data_5LSW
#
_entry.id   5LSW
#
_cell.length_a   56.930
_cell.length_b   103.690
_cell.length_c   60.830
_cell.angle_alpha   90.00
_cell.angle_beta   113.00
_cell.angle_gamma   90.00
#
_symmetry.space_group_name_H-M   'P 1 21 1'
#
loop_
_entity.id
_entity.type
_entity.pdbx_description
1 polymer 'Cell differentiation protein RCD1 homolog'
2 polymer LD12033p
3 non-polymer 'SULFATE ION'
4 non-polymer 2-AMINO-2-HYDROXYMETHYL-PROPANE-1,3-DIOL
5 water water
#
loop_
_entity_poly.entity_id
_entity_poly.type
_entity_poly.pdbx_seq_one_letter_code
_entity_poly.pdbx_strand_id
1 'polypeptide(L)'
;GPHMLEREKIYQWINELSSPETRENALLELSKKRESVPDLAPMLWHSFGTIAALLQEIVNIYPSINPPTLTAHQSNRVCN
ALALLQCVASHPETRSAFLAAHIPLFLYPFLHTVSKTRPFEYLRLTSLGVIGALVKTDEQEVINFLLTTEIIPLCLRIME
SGSELSKTVATFILQKILLDDTGLAYICQTYERFSHVAMILGKMVLQLSKEPSARLLKHVVRCYLRLSDNPRAREALRQC
LPDQLKDTTFAQVLKDDTTTKRWLAQLVKNLQE
;
A,C
2 'polypeptide(L)' EGGIDSGMMLQLEKNLVDIVD B,D
#
# COMPACT_ATOMS: atom_id res chain seq x y z
N GLY A 1 16.49 33.42 -33.86
CA GLY A 1 16.49 31.98 -33.64
C GLY A 1 15.13 31.43 -33.25
N PRO A 2 14.87 30.18 -33.61
CA PRO A 2 13.56 29.58 -33.31
C PRO A 2 13.52 29.06 -31.88
N HIS A 3 12.46 29.40 -31.16
CA HIS A 3 12.26 28.97 -29.77
C HIS A 3 11.35 27.74 -29.79
N MET A 4 11.96 26.57 -29.71
CA MET A 4 11.25 25.30 -29.79
C MET A 4 10.51 25.04 -28.49
N LEU A 5 9.23 24.67 -28.60
CA LEU A 5 8.44 24.38 -27.42
C LEU A 5 9.01 23.17 -26.68
N GLU A 6 8.49 22.93 -25.47
CA GLU A 6 9.09 21.93 -24.59
C GLU A 6 8.81 20.51 -25.08
N ARG A 7 7.62 20.26 -25.63
CA ARG A 7 7.32 18.91 -26.10
C ARG A 7 8.23 18.52 -27.26
N GLU A 8 8.53 19.46 -28.16
CA GLU A 8 9.39 19.14 -29.29
C GLU A 8 10.85 19.03 -28.85
N LYS A 9 11.27 19.82 -27.86
CA LYS A 9 12.59 19.65 -27.26
C LYS A 9 12.76 18.25 -26.66
N ILE A 10 11.75 17.78 -25.92
CA ILE A 10 11.82 16.45 -25.34
C ILE A 10 11.94 15.40 -26.43
N TYR A 11 11.16 15.55 -27.51
CA TYR A 11 11.22 14.59 -28.59
C TYR A 11 12.54 14.65 -29.35
N GLN A 12 13.14 15.84 -29.44
CA GLN A 12 14.48 15.94 -30.03
C GLN A 12 15.48 15.10 -29.26
N TRP A 13 15.49 15.24 -27.92
CA TRP A 13 16.39 14.44 -27.10
C TRP A 13 16.08 12.96 -27.22
N ILE A 14 14.79 12.60 -27.28
CA ILE A 14 14.42 11.20 -27.42
C ILE A 14 14.98 10.65 -28.73
N ASN A 15 14.86 11.40 -29.82
CA ASN A 15 15.43 10.97 -31.08
C ASN A 15 16.95 10.88 -31.02
N GLU A 16 17.60 11.71 -30.20
CA GLU A 16 19.05 11.67 -30.11
C GLU A 16 19.55 10.45 -29.32
N LEU A 17 18.67 9.73 -28.62
CA LEU A 17 19.08 8.49 -27.98
C LEU A 17 19.46 7.42 -28.99
N SER A 18 19.05 7.57 -30.27
CA SER A 18 19.25 6.54 -31.27
C SER A 18 20.65 6.56 -31.87
N SER A 19 21.44 7.60 -31.62
CA SER A 19 22.78 7.67 -32.17
C SER A 19 23.80 7.70 -31.04
N PRO A 20 24.87 6.91 -31.14
CA PRO A 20 25.92 6.94 -30.11
C PRO A 20 26.54 8.30 -29.90
N GLU A 21 26.67 9.11 -30.95
CA GLU A 21 27.32 10.41 -30.81
C GLU A 21 26.51 11.36 -29.92
N THR A 22 25.19 11.18 -29.85
CA THR A 22 24.33 12.09 -29.11
C THR A 22 23.62 11.43 -27.93
N ARG A 23 23.80 10.12 -27.73
CA ARG A 23 22.99 9.41 -26.75
C ARG A 23 23.28 9.87 -25.33
N GLU A 24 24.57 10.02 -24.98
CA GLU A 24 24.94 10.35 -23.61
C GLU A 24 24.30 11.66 -23.15
N ASN A 25 24.44 12.72 -23.96
CA ASN A 25 23.88 14.01 -23.58
C ASN A 25 22.36 13.96 -23.52
N ALA A 26 21.73 13.28 -24.47
CA ALA A 26 20.28 13.11 -24.42
C ALA A 26 19.85 12.38 -23.15
N LEU A 27 20.61 11.35 -22.76
CA LEU A 27 20.32 10.65 -21.51
C LEU A 27 20.33 11.62 -20.33
N LEU A 28 21.36 12.48 -20.27
CA LEU A 28 21.45 13.47 -19.21
C LEU A 28 20.24 14.40 -19.20
N GLU A 29 19.94 15.01 -20.35
CA GLU A 29 18.87 16.00 -20.42
C GLU A 29 17.52 15.37 -20.11
N LEU A 30 17.27 14.16 -20.61
CA LEU A 30 15.97 13.53 -20.36
C LEU A 30 15.83 13.13 -18.90
N SER A 31 16.90 12.63 -18.28
CA SER A 31 16.81 12.23 -16.88
C SER A 31 16.53 13.43 -15.98
N LYS A 32 17.05 14.61 -16.34
CA LYS A 32 16.75 15.83 -15.59
C LYS A 32 15.30 16.28 -15.74
N LYS A 33 14.61 15.84 -16.79
CA LYS A 33 13.21 16.19 -17.00
C LYS A 33 12.26 15.10 -16.53
N ARG A 34 12.79 14.04 -15.89
CA ARG A 34 11.99 12.88 -15.56
C ARG A 34 10.76 13.25 -14.73
N GLU A 35 10.92 14.11 -13.73
CA GLU A 35 9.82 14.49 -12.85
C GLU A 35 9.05 15.71 -13.35
N SER A 36 9.47 16.32 -14.46
CA SER A 36 8.77 17.48 -15.01
C SER A 36 7.81 17.11 -16.14
N VAL A 37 8.02 15.99 -16.82
CA VAL A 37 7.24 15.62 -17.99
C VAL A 37 6.40 14.40 -17.64
N PRO A 38 5.11 14.57 -17.32
CA PRO A 38 4.34 13.44 -16.78
C PRO A 38 4.16 12.30 -17.76
N ASP A 39 4.22 12.57 -19.07
CA ASP A 39 4.02 11.53 -20.07
C ASP A 39 5.32 11.12 -20.76
N LEU A 40 6.46 11.34 -20.11
CA LEU A 40 7.74 10.95 -20.69
C LEU A 40 7.79 9.45 -20.98
N ALA A 41 7.18 8.62 -20.11
CA ALA A 41 7.28 7.18 -20.30
C ALA A 41 6.63 6.70 -21.58
N PRO A 42 5.36 7.02 -21.89
CA PRO A 42 4.81 6.57 -23.19
C PRO A 42 5.52 7.20 -24.38
N MET A 43 6.05 8.42 -24.23
CA MET A 43 6.86 9.02 -25.28
C MET A 43 8.08 8.16 -25.57
N LEU A 44 8.77 7.71 -24.52
CA LEU A 44 9.91 6.82 -24.70
C LEU A 44 9.48 5.48 -25.28
N TRP A 45 8.42 4.90 -24.73
CA TRP A 45 8.04 3.53 -25.08
C TRP A 45 7.57 3.42 -26.53
N HIS A 46 6.88 4.44 -27.03
CA HIS A 46 6.33 4.37 -28.39
C HIS A 46 7.25 4.94 -29.45
N SER A 47 8.45 5.38 -29.09
CA SER A 47 9.44 5.85 -30.04
C SER A 47 10.28 4.68 -30.54
N PHE A 48 10.49 4.63 -31.87
CA PHE A 48 11.22 3.55 -32.52
C PHE A 48 12.65 3.44 -32.01
N GLY A 49 13.01 2.25 -31.51
CA GLY A 49 14.37 1.94 -31.11
C GLY A 49 14.80 2.51 -29.78
N THR A 50 13.96 3.33 -29.13
CA THR A 50 14.39 4.02 -27.93
C THR A 50 14.61 3.07 -26.76
N ILE A 51 13.63 2.20 -26.49
CA ILE A 51 13.79 1.23 -25.41
C ILE A 51 14.98 0.32 -25.70
N ALA A 52 15.11 -0.15 -26.96
CA ALA A 52 16.27 -0.96 -27.32
C ALA A 52 17.58 -0.22 -27.10
N ALA A 53 17.59 1.10 -27.26
CA ALA A 53 18.81 1.85 -27.01
C ALA A 53 19.10 1.97 -25.51
N LEU A 54 18.06 2.07 -24.68
CA LEU A 54 18.28 2.10 -23.23
C LEU A 54 18.79 0.76 -22.70
N LEU A 55 18.31 -0.35 -23.27
CA LEU A 55 18.79 -1.67 -22.86
C LEU A 55 20.22 -1.89 -23.32
N GLN A 56 20.60 -1.34 -24.47
CA GLN A 56 21.98 -1.46 -24.94
C GLN A 56 22.95 -0.73 -24.02
N GLU A 57 22.53 0.41 -23.46
CA GLU A 57 23.35 1.10 -22.48
C GLU A 57 23.58 0.23 -21.25
N ILE A 58 22.51 -0.40 -20.75
CA ILE A 58 22.64 -1.29 -19.60
C ILE A 58 23.59 -2.44 -19.92
N VAL A 59 23.30 -3.15 -21.01
CA VAL A 59 24.04 -4.35 -21.35
C VAL A 59 25.50 -4.02 -21.68
N ASN A 60 25.78 -2.79 -22.15
CA ASN A 60 27.13 -2.39 -22.49
C ASN A 60 28.09 -2.44 -21.31
N ILE A 61 27.59 -2.45 -20.08
CA ILE A 61 28.47 -2.48 -18.91
C ILE A 61 28.51 -3.84 -18.23
N TYR A 62 27.76 -4.83 -18.73
CA TYR A 62 27.89 -6.19 -18.21
C TYR A 62 29.34 -6.67 -18.16
N PRO A 63 30.19 -6.48 -19.18
CA PRO A 63 31.59 -6.91 -19.05
C PRO A 63 32.38 -6.14 -18.01
N SER A 64 31.92 -4.97 -17.57
CA SER A 64 32.64 -4.19 -16.57
C SER A 64 32.18 -4.51 -15.16
N ILE A 65 31.22 -5.41 -15.00
CA ILE A 65 30.66 -5.70 -13.69
C ILE A 65 31.33 -6.90 -13.04
N ASN A 66 31.83 -7.83 -13.83
CA ASN A 66 32.42 -9.06 -13.32
C ASN A 66 33.55 -9.50 -14.25
N PRO A 67 34.82 -9.28 -13.85
CA PRO A 67 35.30 -8.64 -12.62
C PRO A 67 34.97 -7.15 -12.52
N PRO A 68 34.93 -6.62 -11.30
CA PRO A 68 34.52 -5.22 -11.12
C PRO A 68 35.56 -4.22 -11.63
N THR A 69 35.28 -3.61 -12.79
CA THR A 69 36.11 -2.54 -13.34
C THR A 69 35.27 -1.32 -13.72
N LEU A 70 34.02 -1.26 -13.28
CA LEU A 70 33.11 -0.18 -13.63
C LEU A 70 33.64 1.18 -13.16
N THR A 71 33.79 2.12 -14.09
CA THR A 71 34.21 3.46 -13.74
C THR A 71 33.03 4.32 -13.31
N ALA A 72 33.34 5.46 -12.69
CA ALA A 72 32.29 6.39 -12.28
C ALA A 72 31.54 6.93 -13.50
N HIS A 73 32.26 7.18 -14.58
CA HIS A 73 31.62 7.70 -15.80
C HIS A 73 30.65 6.69 -16.39
N GLN A 74 31.05 5.43 -16.48
CA GLN A 74 30.15 4.39 -16.97
C GLN A 74 28.91 4.29 -16.09
N SER A 75 29.10 4.26 -14.77
CA SER A 75 27.99 4.11 -13.85
C SER A 75 27.02 5.28 -13.97
N ASN A 76 27.54 6.51 -14.07
CA ASN A 76 26.69 7.68 -14.22
C ASN A 76 25.82 7.57 -15.47
N ARG A 77 26.43 7.18 -16.58
CA ARG A 77 25.69 7.10 -17.84
C ARG A 77 24.58 6.05 -17.77
N VAL A 78 24.89 4.85 -17.30
CA VAL A 78 23.88 3.80 -17.25
C VAL A 78 22.79 4.15 -16.24
N CYS A 79 23.14 4.84 -15.15
CA CYS A 79 22.11 5.23 -14.19
C CYS A 79 21.17 6.28 -14.77
N ASN A 80 21.63 7.12 -15.69
CA ASN A 80 20.70 7.97 -16.41
C ASN A 80 19.73 7.14 -17.25
N ALA A 81 20.23 6.09 -17.88
CA ALA A 81 19.34 5.19 -18.63
C ALA A 81 18.37 4.49 -17.68
N LEU A 82 18.86 4.08 -16.50
CA LEU A 82 17.99 3.43 -15.53
C LEU A 82 16.93 4.40 -15.01
N ALA A 83 17.28 5.68 -14.85
CA ALA A 83 16.30 6.65 -14.40
C ALA A 83 15.14 6.75 -15.40
N LEU A 84 15.44 6.65 -16.69
CA LEU A 84 14.38 6.67 -17.68
C LEU A 84 13.56 5.37 -17.64
N LEU A 85 14.22 4.24 -17.41
CA LEU A 85 13.49 2.99 -17.25
C LEU A 85 12.61 3.02 -16.00
N GLN A 86 13.03 3.73 -14.96
CA GLN A 86 12.22 3.81 -13.75
C GLN A 86 10.89 4.51 -14.02
N CYS A 87 10.90 5.57 -14.82
CA CYS A 87 9.64 6.24 -15.07
C CYS A 87 8.77 5.45 -16.04
N VAL A 88 9.39 4.59 -16.88
CA VAL A 88 8.60 3.65 -17.67
C VAL A 88 7.99 2.57 -16.78
N ALA A 89 8.70 2.15 -15.73
CA ALA A 89 8.20 1.12 -14.84
C ALA A 89 7.02 1.59 -13.99
N SER A 90 6.88 2.88 -13.76
CA SER A 90 5.85 3.38 -12.85
C SER A 90 4.68 4.05 -13.57
N HIS A 91 4.73 4.21 -14.90
CA HIS A 91 3.64 4.88 -15.59
C HIS A 91 2.53 3.87 -15.94
N PRO A 92 1.26 4.20 -15.69
CA PRO A 92 0.20 3.23 -15.96
C PRO A 92 0.05 2.86 -17.42
N GLU A 93 0.49 3.72 -18.34
CA GLU A 93 0.34 3.40 -19.75
C GLU A 93 1.39 2.42 -20.25
N THR A 94 2.53 2.30 -19.57
CA THR A 94 3.64 1.49 -20.07
C THR A 94 4.06 0.36 -19.13
N ARG A 95 3.60 0.33 -17.88
CA ARG A 95 4.18 -0.60 -16.91
C ARG A 95 3.89 -2.06 -17.28
N SER A 96 2.70 -2.34 -17.83
CA SER A 96 2.38 -3.71 -18.21
C SER A 96 3.31 -4.20 -19.33
N ALA A 97 3.50 -3.38 -20.36
CA ALA A 97 4.40 -3.77 -21.43
C ALA A 97 5.84 -3.87 -20.92
N PHE A 98 6.22 -2.99 -20.01
CA PHE A 98 7.52 -3.09 -19.34
C PHE A 98 7.69 -4.45 -18.67
N LEU A 99 6.66 -4.92 -17.95
CA LEU A 99 6.71 -6.23 -17.31
C LEU A 99 6.73 -7.35 -18.34
N ALA A 100 5.85 -7.27 -19.34
CA ALA A 100 5.74 -8.33 -20.32
C ALA A 100 7.02 -8.50 -21.13
N ALA A 101 7.77 -7.42 -21.30
CA ALA A 101 9.08 -7.53 -21.93
C ALA A 101 10.16 -8.04 -20.98
N HIS A 102 9.82 -8.23 -19.70
CA HIS A 102 10.74 -8.76 -18.69
C HIS A 102 11.93 -7.83 -18.44
N ILE A 103 11.75 -6.52 -18.67
CA ILE A 103 12.85 -5.56 -18.51
C ILE A 103 13.53 -5.64 -17.15
N PRO A 104 12.82 -5.73 -16.00
CA PRO A 104 13.53 -5.70 -14.70
C PRO A 104 14.66 -6.72 -14.59
N LEU A 105 14.56 -7.84 -15.30
CA LEU A 105 15.60 -8.86 -15.22
C LEU A 105 16.96 -8.34 -15.66
N PHE A 106 17.00 -7.30 -16.50
CA PHE A 106 18.29 -6.76 -16.96
C PHE A 106 19.06 -6.08 -15.84
N LEU A 107 18.41 -5.77 -14.74
CA LEU A 107 19.04 -5.07 -13.63
C LEU A 107 19.64 -6.02 -12.60
N TYR A 108 19.27 -7.29 -12.64
CA TYR A 108 19.70 -8.21 -11.59
C TYR A 108 21.21 -8.43 -11.52
N PRO A 109 21.98 -8.44 -12.62
CA PRO A 109 23.45 -8.49 -12.46
C PRO A 109 24.00 -7.40 -11.56
N PHE A 110 23.39 -6.21 -11.59
CA PHE A 110 23.85 -5.11 -10.75
C PHE A 110 23.59 -5.38 -9.28
N LEU A 111 22.55 -6.16 -8.97
CA LEU A 111 22.25 -6.48 -7.58
C LEU A 111 23.14 -7.58 -7.02
N HIS A 112 23.78 -8.37 -7.89
CA HIS A 112 24.76 -9.35 -7.46
C HIS A 112 26.10 -8.74 -7.09
N THR A 113 26.39 -7.52 -7.54
CA THR A 113 27.68 -6.92 -7.24
C THR A 113 27.81 -6.65 -5.75
N VAL A 114 29.05 -6.76 -5.26
CA VAL A 114 29.34 -6.60 -3.85
C VAL A 114 30.35 -5.49 -3.59
N SER A 115 31.04 -5.02 -4.62
CA SER A 115 31.96 -3.89 -4.48
C SER A 115 31.28 -2.73 -3.75
N LYS A 116 31.96 -2.21 -2.73
CA LYS A 116 31.44 -1.10 -1.95
C LYS A 116 31.90 0.25 -2.50
N THR A 117 32.49 0.27 -3.68
CA THR A 117 32.94 1.52 -4.27
C THR A 117 31.75 2.36 -4.74
N ARG A 118 32.01 3.64 -4.90
CA ARG A 118 30.95 4.58 -5.27
C ARG A 118 30.31 4.27 -6.62
N PRO A 119 31.05 3.89 -7.67
CA PRO A 119 30.36 3.54 -8.93
C PRO A 119 29.41 2.35 -8.79
N PHE A 120 29.73 1.38 -7.93
CA PHE A 120 28.86 0.22 -7.78
C PHE A 120 27.70 0.48 -6.83
N GLU A 121 27.94 1.25 -5.76
CA GLU A 121 26.84 1.60 -4.87
C GLU A 121 25.80 2.45 -5.59
N TYR A 122 26.25 3.43 -6.37
CA TYR A 122 25.35 4.29 -7.12
C TYR A 122 24.52 3.47 -8.12
N LEU A 123 25.16 2.49 -8.77
CA LEU A 123 24.45 1.63 -9.70
C LEU A 123 23.47 0.72 -8.97
N ARG A 124 23.89 0.15 -7.84
CA ARG A 124 23.03 -0.75 -7.08
C ARG A 124 21.82 -0.01 -6.51
N LEU A 125 22.04 1.17 -5.93
CA LEU A 125 20.94 1.96 -5.40
C LEU A 125 19.97 2.36 -6.49
N THR A 126 20.49 2.79 -7.65
CA THR A 126 19.62 3.20 -8.74
C THR A 126 18.80 2.02 -9.25
N SER A 127 19.43 0.85 -9.40
CA SER A 127 18.70 -0.35 -9.81
C SER A 127 17.62 -0.70 -8.79
N LEU A 128 17.96 -0.64 -7.50
CA LEU A 128 16.95 -0.92 -6.46
C LEU A 128 15.78 0.04 -6.58
N GLY A 129 16.04 1.30 -6.95
CA GLY A 129 14.97 2.27 -7.11
C GLY A 129 14.01 1.91 -8.23
N VAL A 130 14.53 1.41 -9.35
CA VAL A 130 13.65 0.97 -10.43
C VAL A 130 12.71 -0.13 -9.94
N ILE A 131 13.25 -1.10 -9.20
CA ILE A 131 12.42 -2.18 -8.68
C ILE A 131 11.48 -1.66 -7.60
N GLY A 132 11.96 -0.74 -6.77
CA GLY A 132 11.11 -0.17 -5.74
C GLY A 132 9.93 0.59 -6.32
N ALA A 133 10.17 1.41 -7.34
CA ALA A 133 9.07 2.13 -7.99
C ALA A 133 8.10 1.16 -8.64
N LEU A 134 8.61 0.04 -9.17
CA LEU A 134 7.74 -0.93 -9.84
C LEU A 134 6.82 -1.63 -8.85
N VAL A 135 7.31 -1.97 -7.66
CA VAL A 135 6.44 -2.63 -6.68
C VAL A 135 5.57 -1.63 -5.94
N LYS A 136 5.93 -0.34 -5.94
CA LYS A 136 5.16 0.65 -5.18
C LYS A 136 3.76 0.84 -5.76
N THR A 137 3.57 0.44 -7.02
CA THR A 137 2.28 0.56 -7.69
C THR A 137 1.22 -0.39 -7.16
N ASP A 138 1.57 -1.28 -6.23
CA ASP A 138 0.61 -2.17 -5.57
C ASP A 138 -0.29 -2.88 -6.58
N GLU A 139 0.35 -3.72 -7.39
CA GLU A 139 -0.33 -4.50 -8.40
C GLU A 139 0.12 -5.95 -8.33
N GLN A 140 -0.78 -6.85 -8.71
CA GLN A 140 -0.50 -8.28 -8.60
C GLN A 140 0.38 -8.78 -9.74
N GLU A 141 0.26 -8.19 -10.94
CA GLU A 141 1.07 -8.66 -12.05
C GLU A 141 2.56 -8.43 -11.81
N VAL A 142 2.92 -7.37 -11.07
CA VAL A 142 4.31 -7.11 -10.74
C VAL A 142 4.87 -8.24 -9.88
N ILE A 143 4.12 -8.65 -8.85
CA ILE A 143 4.63 -9.64 -7.92
C ILE A 143 4.70 -11.01 -8.58
N ASN A 144 3.73 -11.32 -9.46
CA ASN A 144 3.78 -12.56 -10.22
C ASN A 144 5.07 -12.66 -11.03
N PHE A 145 5.43 -11.59 -11.75
CA PHE A 145 6.67 -11.61 -12.52
C PHE A 145 7.87 -11.84 -11.60
N LEU A 146 7.95 -11.07 -10.51
CA LEU A 146 9.11 -11.15 -9.63
C LEU A 146 9.31 -12.54 -9.06
N LEU A 147 8.23 -13.28 -8.84
CA LEU A 147 8.31 -14.62 -8.28
C LEU A 147 8.82 -15.66 -9.29
N THR A 148 8.80 -15.34 -10.58
CA THR A 148 9.46 -16.21 -11.56
C THR A 148 10.94 -15.94 -11.68
N THR A 149 11.45 -14.95 -10.95
CA THR A 149 12.86 -14.56 -10.94
C THR A 149 13.42 -14.81 -9.55
N GLU A 150 14.71 -14.52 -9.38
CA GLU A 150 15.38 -14.76 -8.10
C GLU A 150 15.44 -13.51 -7.25
N ILE A 151 14.39 -12.68 -7.26
CA ILE A 151 14.49 -11.38 -6.61
C ILE A 151 14.64 -11.53 -5.11
N ILE A 152 14.02 -12.56 -4.53
CA ILE A 152 13.96 -12.70 -3.08
C ILE A 152 15.35 -12.99 -2.51
N PRO A 153 16.09 -14.00 -2.98
CA PRO A 153 17.46 -14.16 -2.45
C PRO A 153 18.34 -12.96 -2.72
N LEU A 154 18.14 -12.26 -3.83
CA LEU A 154 18.91 -11.05 -4.10
C LEU A 154 18.64 -9.97 -3.04
N CYS A 155 17.36 -9.75 -2.72
CA CYS A 155 17.02 -8.80 -1.67
C CYS A 155 17.60 -9.24 -0.33
N LEU A 156 17.47 -10.53 -0.01
CA LEU A 156 17.97 -11.02 1.28
C LEU A 156 19.47 -10.81 1.43
N ARG A 157 20.24 -11.10 0.37
CA ARG A 157 21.67 -10.80 0.38
C ARG A 157 21.93 -9.34 0.73
N ILE A 158 21.20 -8.43 0.08
CA ILE A 158 21.42 -7.01 0.29
C ILE A 158 20.99 -6.59 1.69
N MET A 159 19.87 -7.15 2.18
CA MET A 159 19.43 -6.84 3.53
C MET A 159 20.47 -7.29 4.57
N GLU A 160 21.22 -8.34 4.27
CA GLU A 160 22.15 -8.88 5.25
C GLU A 160 23.47 -8.12 5.26
N SER A 161 23.98 -7.72 4.08
CA SER A 161 25.32 -7.16 4.04
C SER A 161 25.45 -5.94 3.13
N GLY A 162 24.37 -5.22 2.85
CA GLY A 162 24.46 -4.01 2.05
C GLY A 162 24.63 -2.77 2.91
N SER A 163 24.74 -1.62 2.24
CA SER A 163 24.76 -0.36 2.97
C SER A 163 23.41 -0.12 3.65
N GLU A 164 23.37 0.89 4.52
CA GLU A 164 22.14 1.17 5.26
C GLU A 164 20.98 1.52 4.33
N LEU A 165 21.24 2.33 3.31
CA LEU A 165 20.17 2.71 2.40
C LEU A 165 19.79 1.57 1.48
N SER A 166 20.77 0.77 1.05
CA SER A 166 20.46 -0.42 0.25
C SER A 166 19.60 -1.40 1.03
N LYS A 167 19.92 -1.63 2.30
CA LYS A 167 19.10 -2.49 3.15
C LYS A 167 17.65 -2.01 3.18
N THR A 168 17.44 -0.69 3.29
CA THR A 168 16.09 -0.16 3.40
C THR A 168 15.27 -0.44 2.14
N VAL A 169 15.86 -0.22 0.96
CA VAL A 169 15.10 -0.40 -0.27
C VAL A 169 14.88 -1.89 -0.55
N ALA A 170 15.88 -2.73 -0.28
CA ALA A 170 15.69 -4.18 -0.43
C ALA A 170 14.62 -4.71 0.53
N THR A 171 14.60 -4.19 1.76
CA THR A 171 13.56 -4.59 2.70
C THR A 171 12.19 -4.12 2.23
N PHE A 172 12.12 -2.93 1.64
CA PHE A 172 10.86 -2.43 1.12
C PHE A 172 10.35 -3.32 -0.02
N ILE A 173 11.26 -3.76 -0.90
CA ILE A 173 10.85 -4.66 -1.98
C ILE A 173 10.31 -5.96 -1.41
N LEU A 174 11.02 -6.54 -0.43
CA LEU A 174 10.54 -7.74 0.25
C LEU A 174 9.21 -7.46 0.94
N GLN A 175 9.07 -6.28 1.54
CA GLN A 175 7.82 -5.90 2.18
C GLN A 175 6.66 -5.94 1.19
N LYS A 176 6.84 -5.35 0.00
CA LYS A 176 5.76 -5.35 -0.97
C LYS A 176 5.46 -6.77 -1.48
N ILE A 177 6.46 -7.64 -1.54
CA ILE A 177 6.20 -9.01 -1.93
C ILE A 177 5.40 -9.72 -0.86
N LEU A 178 5.74 -9.48 0.42
CA LEU A 178 5.01 -10.09 1.52
C LEU A 178 3.57 -9.56 1.61
N LEU A 179 3.33 -8.31 1.22
CA LEU A 179 1.98 -7.76 1.35
C LEU A 179 1.03 -8.35 0.32
N ASP A 180 1.53 -8.73 -0.84
CA ASP A 180 0.76 -9.51 -1.81
C ASP A 180 0.45 -10.89 -1.23
N ASP A 181 -0.77 -11.37 -1.48
CA ASP A 181 -1.18 -12.65 -0.92
C ASP A 181 -0.33 -13.80 -1.47
N THR A 182 -0.07 -13.78 -2.78
CA THR A 182 0.75 -14.83 -3.37
C THR A 182 2.17 -14.79 -2.83
N GLY A 183 2.74 -13.59 -2.70
CA GLY A 183 4.08 -13.48 -2.15
C GLY A 183 4.19 -14.04 -0.75
N LEU A 184 3.20 -13.75 0.10
CA LEU A 184 3.22 -14.28 1.47
C LEU A 184 3.17 -15.81 1.47
N ALA A 185 2.28 -16.39 0.67
CA ALA A 185 2.21 -17.84 0.60
C ALA A 185 3.46 -18.44 -0.02
N TYR A 186 4.07 -17.75 -0.98
CA TYR A 186 5.31 -18.25 -1.61
C TYR A 186 6.41 -18.40 -0.57
N ILE A 187 6.63 -17.36 0.23
CA ILE A 187 7.70 -17.36 1.23
C ILE A 187 7.40 -18.29 2.39
N CYS A 188 6.12 -18.61 2.63
CA CYS A 188 5.71 -19.37 3.81
C CYS A 188 5.33 -20.81 3.52
N GLN A 189 5.26 -21.23 2.26
CA GLN A 189 4.84 -22.60 1.98
C GLN A 189 5.94 -23.60 2.34
N THR A 190 7.20 -23.19 2.31
CA THR A 190 8.32 -24.02 2.72
C THR A 190 8.93 -23.41 3.98
N TYR A 191 9.23 -24.26 4.97
CA TYR A 191 9.83 -23.76 6.19
C TYR A 191 11.25 -23.28 5.96
N GLU A 192 11.96 -23.88 4.99
CA GLU A 192 13.29 -23.40 4.64
C GLU A 192 13.24 -21.97 4.11
N ARG A 193 12.27 -21.66 3.25
CA ARG A 193 12.12 -20.30 2.76
C ARG A 193 11.85 -19.33 3.90
N PHE A 194 10.90 -19.68 4.78
CA PHE A 194 10.54 -18.79 5.87
C PHE A 194 11.69 -18.58 6.84
N SER A 195 12.42 -19.65 7.17
CA SER A 195 13.51 -19.54 8.13
C SER A 195 14.65 -18.70 7.57
N HIS A 196 14.92 -18.80 6.27
CA HIS A 196 15.92 -17.94 5.66
C HIS A 196 15.53 -16.47 5.81
N VAL A 197 14.26 -16.15 5.56
CA VAL A 197 13.79 -14.78 5.76
C VAL A 197 13.85 -14.38 7.23
N ALA A 198 13.41 -15.28 8.12
CA ALA A 198 13.42 -14.95 9.54
C ALA A 198 14.84 -14.75 10.07
N MET A 199 15.78 -15.59 9.63
CA MET A 199 17.16 -15.43 10.06
C MET A 199 17.72 -14.08 9.64
N ILE A 200 17.44 -13.66 8.39
CA ILE A 200 17.95 -12.38 7.92
C ILE A 200 17.32 -11.25 8.72
N LEU A 201 16.02 -11.30 8.94
CA LEU A 201 15.34 -10.26 9.71
C LEU A 201 15.84 -10.24 11.15
N GLY A 202 16.01 -11.42 11.75
CA GLY A 202 16.54 -11.48 13.10
C GLY A 202 17.90 -10.82 13.22
N LYS A 203 18.77 -11.02 12.23
CA LYS A 203 20.10 -10.43 12.28
C LYS A 203 20.05 -8.92 12.11
N MET A 204 19.13 -8.41 11.30
CA MET A 204 19.04 -6.96 11.11
C MET A 204 18.62 -6.26 12.39
N VAL A 205 17.79 -6.90 13.22
CA VAL A 205 17.40 -6.29 14.49
C VAL A 205 18.62 -6.06 15.37
N LEU A 206 19.55 -7.03 15.40
CA LEU A 206 20.75 -6.88 16.22
C LEU A 206 21.57 -5.67 15.78
N GLN A 207 21.79 -5.53 14.47
CA GLN A 207 22.52 -4.38 13.97
C GLN A 207 21.81 -3.07 14.30
N LEU A 208 20.48 -3.07 14.23
CA LEU A 208 19.72 -1.86 14.55
C LEU A 208 19.86 -1.49 16.02
N SER A 209 20.11 -2.46 16.89
CA SER A 209 20.37 -2.15 18.29
C SER A 209 21.74 -1.51 18.48
N LYS A 210 22.65 -1.69 17.53
CA LYS A 210 23.96 -1.05 17.59
C LYS A 210 23.96 0.27 16.80
N GLU A 211 23.63 0.20 15.51
CA GLU A 211 23.52 1.39 14.67
C GLU A 211 22.04 1.68 14.43
N PRO A 212 21.42 2.56 15.21
CA PRO A 212 19.98 2.79 15.04
C PRO A 212 19.65 3.44 13.70
N SER A 213 18.60 2.93 13.06
CA SER A 213 18.07 3.51 11.83
C SER A 213 16.55 3.45 11.91
N ALA A 214 15.93 4.63 12.02
CA ALA A 214 14.48 4.67 12.19
C ALA A 214 13.77 4.15 10.94
N ARG A 215 14.20 4.57 9.75
CA ARG A 215 13.50 4.16 8.54
C ARG A 215 13.67 2.66 8.28
N LEU A 216 14.84 2.11 8.62
CA LEU A 216 15.06 0.69 8.36
C LEU A 216 14.27 -0.19 9.33
N LEU A 217 14.20 0.22 10.59
CA LEU A 217 13.42 -0.52 11.58
C LEU A 217 11.94 -0.55 11.20
N LYS A 218 11.44 0.52 10.58
CA LYS A 218 10.03 0.57 10.20
C LYS A 218 9.68 -0.56 9.25
N HIS A 219 10.49 -0.78 8.22
CA HIS A 219 10.18 -1.80 7.23
C HIS A 219 10.45 -3.20 7.72
N VAL A 220 11.42 -3.36 8.63
CA VAL A 220 11.66 -4.66 9.25
C VAL A 220 10.45 -5.09 10.07
N VAL A 221 9.92 -4.18 10.88
CA VAL A 221 8.75 -4.52 11.69
C VAL A 221 7.56 -4.83 10.80
N ARG A 222 7.40 -4.07 9.70
CA ARG A 222 6.30 -4.32 8.79
C ARG A 222 6.37 -5.72 8.20
N CYS A 223 7.58 -6.18 7.85
CA CYS A 223 7.75 -7.53 7.34
C CYS A 223 7.41 -8.57 8.40
N TYR A 224 7.84 -8.34 9.64
CA TYR A 224 7.45 -9.22 10.73
C TYR A 224 5.94 -9.24 10.91
N LEU A 225 5.32 -8.05 10.89
CA LEU A 225 3.87 -7.94 11.05
C LEU A 225 3.13 -8.72 9.97
N ARG A 226 3.53 -8.54 8.71
CA ARG A 226 2.85 -9.23 7.62
C ARG A 226 3.09 -10.74 7.69
N LEU A 227 4.28 -11.16 8.12
CA LEU A 227 4.53 -12.59 8.29
C LEU A 227 3.59 -13.20 9.31
N SER A 228 3.20 -12.43 10.33
CA SER A 228 2.30 -12.95 11.37
C SER A 228 0.91 -13.28 10.83
N ASP A 229 0.56 -12.78 9.64
CA ASP A 229 -0.71 -13.18 9.03
C ASP A 229 -0.69 -14.61 8.52
N ASN A 230 0.49 -15.25 8.44
CA ASN A 230 0.59 -16.67 8.08
C ASN A 230 0.69 -17.51 9.35
N PRO A 231 -0.15 -18.53 9.48
CA PRO A 231 -0.16 -19.30 10.76
C PRO A 231 1.18 -19.92 11.08
N ARG A 232 1.79 -20.62 10.13
CA ARG A 232 3.07 -21.28 10.37
C ARG A 232 4.15 -20.29 10.79
N ALA A 233 4.08 -19.06 10.30
CA ALA A 233 5.07 -18.05 10.67
C ALA A 233 4.79 -17.43 12.03
N ARG A 234 3.50 -17.23 12.36
CA ARG A 234 3.15 -16.64 13.65
C ARG A 234 3.64 -17.50 14.81
N GLU A 235 3.41 -18.81 14.72
CA GLU A 235 3.84 -19.69 15.81
C GLU A 235 5.35 -19.78 15.89
N ALA A 236 6.05 -19.61 14.76
CA ALA A 236 7.51 -19.62 14.78
C ALA A 236 8.06 -18.30 15.32
N LEU A 237 7.43 -17.18 14.98
CA LEU A 237 7.84 -15.88 15.52
C LEU A 237 7.58 -15.78 17.02
N ARG A 238 6.68 -16.60 17.57
CA ARG A 238 6.50 -16.62 19.02
C ARG A 238 7.78 -17.03 19.74
N GLN A 239 8.67 -17.73 19.07
CA GLN A 239 9.90 -18.23 19.68
C GLN A 239 11.16 -17.53 19.21
N CYS A 240 11.16 -16.98 17.99
CA CYS A 240 12.36 -16.40 17.40
C CYS A 240 12.28 -14.89 17.23
N LEU A 241 11.28 -14.24 17.82
CA LEU A 241 11.23 -12.78 17.76
C LEU A 241 12.35 -12.21 18.62
N PRO A 242 13.14 -11.28 18.11
CA PRO A 242 14.28 -10.76 18.88
C PRO A 242 13.85 -10.12 20.19
N ASP A 243 14.68 -10.29 21.21
CA ASP A 243 14.37 -9.72 22.52
C ASP A 243 14.33 -8.19 22.47
N GLN A 244 15.11 -7.59 21.56
CA GLN A 244 15.11 -6.14 21.42
C GLN A 244 13.77 -5.61 20.93
N LEU A 245 12.94 -6.45 20.33
CA LEU A 245 11.61 -6.06 19.90
C LEU A 245 10.55 -6.26 20.97
N LYS A 246 10.92 -6.82 22.12
CA LYS A 246 9.99 -7.05 23.21
C LYS A 246 10.20 -6.16 24.41
N ASP A 247 11.40 -5.59 24.59
CA ASP A 247 11.66 -4.69 25.70
C ASP A 247 11.67 -3.24 25.25
N THR A 248 12.40 -2.39 25.98
CA THR A 248 12.47 -0.96 25.69
C THR A 248 13.73 -0.58 24.93
N THR A 249 14.29 -1.52 24.15
CA THR A 249 15.50 -1.22 23.39
C THR A 249 15.23 -0.14 22.34
N PHE A 250 14.18 -0.31 21.56
CA PHE A 250 13.84 0.65 20.52
C PHE A 250 12.76 1.65 20.96
N ALA A 251 12.22 1.49 22.17
CA ALA A 251 11.20 2.42 22.66
C ALA A 251 11.72 3.85 22.73
N GLN A 252 13.04 4.02 22.94
CA GLN A 252 13.61 5.35 22.99
C GLN A 252 13.50 6.06 21.63
N VAL A 253 13.78 5.33 20.54
CA VAL A 253 13.73 5.93 19.22
C VAL A 253 12.31 5.92 18.64
N LEU A 254 11.50 4.93 19.02
CA LEU A 254 10.16 4.82 18.46
C LEU A 254 9.22 5.93 18.93
N LYS A 255 9.55 6.62 20.02
CA LYS A 255 8.69 7.69 20.51
C LYS A 255 8.61 8.87 19.53
N ASP A 256 9.47 8.93 18.53
CA ASP A 256 9.41 9.95 17.51
C ASP A 256 8.69 9.48 16.24
N ASP A 257 8.20 8.24 16.23
CA ASP A 257 7.47 7.69 15.08
C ASP A 257 6.33 6.83 15.61
N THR A 258 5.13 7.40 15.64
CA THR A 258 3.98 6.69 16.19
C THR A 258 3.53 5.55 15.28
N THR A 259 3.76 5.69 13.97
CA THR A 259 3.32 4.66 13.03
C THR A 259 3.98 3.32 13.34
N THR A 260 5.30 3.32 13.57
CA THR A 260 6.01 2.07 13.81
C THR A 260 5.63 1.45 15.16
N LYS A 261 5.28 2.27 16.15
CA LYS A 261 4.87 1.71 17.45
C LYS A 261 3.55 0.98 17.33
N ARG A 262 2.60 1.52 16.57
CA ARG A 262 1.33 0.82 16.36
C ARG A 262 1.54 -0.51 15.65
N TRP A 263 2.59 -0.63 14.83
CA TRP A 263 2.88 -1.88 14.14
C TRP A 263 3.52 -2.90 15.08
N LEU A 264 4.56 -2.49 15.81
CA LEU A 264 5.27 -3.42 16.68
C LEU A 264 4.37 -3.91 17.80
N ALA A 265 3.59 -3.01 18.41
CA ALA A 265 2.70 -3.43 19.50
C ALA A 265 1.59 -4.34 18.97
N GLN A 266 1.11 -4.09 17.76
CA GLN A 266 0.13 -4.98 17.15
C GLN A 266 0.73 -6.35 16.86
N LEU A 267 2.04 -6.40 16.60
CA LEU A 267 2.68 -7.67 16.26
C LEU A 267 2.80 -8.58 17.47
N VAL A 268 3.26 -8.02 18.60
CA VAL A 268 3.44 -8.84 19.80
C VAL A 268 2.10 -9.32 20.35
N LYS A 269 1.04 -8.53 20.18
CA LYS A 269 -0.29 -8.96 20.61
C LYS A 269 -0.74 -10.19 19.84
N ASN A 270 -0.39 -10.28 18.56
CA ASN A 270 -0.72 -11.47 17.77
C ASN A 270 0.11 -12.67 18.21
N LEU A 271 1.28 -12.43 18.79
CA LEU A 271 2.12 -13.52 19.27
C LEU A 271 1.75 -13.96 20.68
N GLN A 272 0.97 -13.17 21.41
CA GLN A 272 0.50 -13.56 22.73
C GLN A 272 -0.76 -14.41 22.68
N GLU A 273 -1.37 -14.58 21.50
CA GLU A 273 -2.56 -15.41 21.30
C GLU A 273 -3.77 -14.86 22.06
N GLU B 1 34.26 16.32 -16.22
CA GLU B 1 34.68 15.13 -15.48
C GLU B 1 33.75 13.95 -15.77
N GLY B 2 32.45 14.17 -15.62
CA GLY B 2 31.49 13.13 -15.89
C GLY B 2 31.43 12.03 -14.86
N GLY B 3 31.75 12.33 -13.60
CA GLY B 3 31.74 11.36 -12.53
C GLY B 3 30.44 11.35 -11.76
N ILE B 4 30.53 10.90 -10.51
CA ILE B 4 29.40 10.86 -9.59
C ILE B 4 29.74 11.80 -8.45
N ASP B 5 29.22 13.02 -8.48
CA ASP B 5 29.54 14.00 -7.45
C ASP B 5 28.63 13.81 -6.23
N SER B 6 28.91 14.58 -5.18
CA SER B 6 28.20 14.40 -3.92
C SER B 6 26.73 14.81 -4.02
N GLY B 7 26.40 15.74 -4.90
CA GLY B 7 25.01 16.13 -5.06
C GLY B 7 24.17 15.01 -5.63
N MET B 8 24.67 14.34 -6.68
CA MET B 8 23.92 13.28 -7.32
C MET B 8 23.64 12.13 -6.36
N MET B 9 24.63 11.80 -5.52
CA MET B 9 24.41 10.77 -4.51
C MET B 9 23.30 11.16 -3.54
N LEU B 10 23.26 12.44 -3.17
CA LEU B 10 22.21 12.90 -2.26
C LEU B 10 20.84 12.84 -2.92
N GLN B 11 20.75 13.25 -4.19
CA GLN B 11 19.45 13.29 -4.85
C GLN B 11 18.89 11.88 -5.06
N LEU B 12 19.76 10.89 -5.28
CA LEU B 12 19.29 9.51 -5.41
C LEU B 12 18.64 9.04 -4.11
N GLU B 13 19.25 9.34 -2.95
CA GLU B 13 18.63 8.97 -1.68
C GLU B 13 17.28 9.66 -1.50
N LYS B 14 17.17 10.91 -1.95
CA LYS B 14 15.89 11.61 -1.92
C LYS B 14 14.83 10.85 -2.72
N ASN B 15 15.20 10.40 -3.92
CA ASN B 15 14.29 9.58 -4.72
C ASN B 15 13.92 8.29 -3.97
N LEU B 16 14.91 7.65 -3.34
CA LEU B 16 14.67 6.36 -2.71
C LEU B 16 13.82 6.50 -1.45
N VAL B 17 14.00 7.60 -0.70
CA VAL B 17 13.14 7.85 0.45
C VAL B 17 11.70 8.06 0.02
N ASP B 18 11.49 8.84 -1.05
CA ASP B 18 10.12 9.07 -1.52
C ASP B 18 9.45 7.77 -1.94
N ILE B 19 10.22 6.85 -2.54
CA ILE B 19 9.69 5.55 -2.93
C ILE B 19 9.39 4.71 -1.70
N VAL B 20 10.37 4.62 -0.79
CA VAL B 20 10.31 3.67 0.30
C VAL B 20 9.28 4.09 1.34
N ASP B 21 9.15 5.40 1.59
CA ASP B 21 8.19 5.90 2.55
C ASP B 21 7.01 6.58 1.86
N GLY C 1 -20.79 -39.08 24.74
CA GLY C 1 -21.01 -37.96 23.85
C GLY C 1 -19.88 -37.74 22.86
N PRO C 2 -20.23 -37.36 21.63
CA PRO C 2 -19.19 -37.14 20.62
C PRO C 2 -18.56 -35.76 20.75
N HIS C 3 -17.24 -35.72 20.62
CA HIS C 3 -16.48 -34.47 20.67
C HIS C 3 -15.92 -34.20 19.27
N MET C 4 -16.69 -33.46 18.48
CA MET C 4 -16.25 -33.06 17.15
C MET C 4 -14.96 -32.25 17.23
N LEU C 5 -14.11 -32.42 16.22
CA LEU C 5 -12.96 -31.54 16.08
C LEU C 5 -13.45 -30.14 15.71
N GLU C 6 -12.53 -29.17 15.74
CA GLU C 6 -12.92 -27.79 15.50
C GLU C 6 -13.40 -27.58 14.08
N ARG C 7 -12.77 -28.23 13.11
CA ARG C 7 -13.18 -28.06 11.72
C ARG C 7 -14.60 -28.57 11.50
N GLU C 8 -14.94 -29.71 12.10
CA GLU C 8 -16.30 -30.23 12.04
C GLU C 8 -17.30 -29.25 12.67
N LYS C 9 -16.92 -28.62 13.78
CA LYS C 9 -17.83 -27.71 14.46
C LYS C 9 -18.11 -26.46 13.63
N ILE C 10 -17.08 -25.94 12.96
CA ILE C 10 -17.26 -24.77 12.11
C ILE C 10 -18.18 -25.09 10.95
N TYR C 11 -17.96 -26.23 10.30
CA TYR C 11 -18.82 -26.65 9.20
C TYR C 11 -20.25 -26.85 9.66
N GLN C 12 -20.43 -27.34 10.90
CA GLN C 12 -21.77 -27.47 11.45
C GLN C 12 -22.46 -26.11 11.57
N TRP C 13 -21.75 -25.12 12.12
CA TRP C 13 -22.34 -23.78 12.19
C TRP C 13 -22.63 -23.23 10.80
N ILE C 14 -21.72 -23.45 9.84
CA ILE C 14 -21.96 -23.01 8.48
C ILE C 14 -23.23 -23.66 7.93
N ASN C 15 -23.37 -24.97 8.13
CA ASN C 15 -24.59 -25.64 7.73
C ASN C 15 -25.81 -25.07 8.43
N GLU C 16 -25.64 -24.64 9.69
CA GLU C 16 -26.76 -24.06 10.44
C GLU C 16 -27.15 -22.67 9.97
N LEU C 17 -26.36 -22.05 9.08
CA LEU C 17 -26.76 -20.77 8.50
C LEU C 17 -27.91 -20.91 7.51
N SER C 18 -28.14 -22.10 6.97
CA SER C 18 -29.21 -22.25 5.98
C SER C 18 -30.57 -21.98 6.61
N SER C 19 -30.86 -22.59 7.74
CA SER C 19 -32.21 -22.55 8.28
C SER C 19 -32.39 -21.32 9.18
N PRO C 20 -33.51 -20.59 9.07
CA PRO C 20 -33.68 -19.38 9.91
C PRO C 20 -33.79 -19.70 11.39
N GLU C 21 -34.19 -20.91 11.75
CA GLU C 21 -34.33 -21.25 13.17
C GLU C 21 -32.99 -21.38 13.87
N THR C 22 -31.93 -21.72 13.13
CA THR C 22 -30.60 -21.86 13.70
C THR C 22 -29.63 -20.77 13.26
N ARG C 23 -30.03 -19.89 12.34
CA ARG C 23 -29.07 -19.03 11.67
C ARG C 23 -28.48 -17.98 12.61
N GLU C 24 -29.30 -17.39 13.48
CA GLU C 24 -28.81 -16.30 14.31
C GLU C 24 -27.68 -16.75 15.22
N ASN C 25 -27.81 -17.93 15.82
CA ASN C 25 -26.76 -18.44 16.70
C ASN C 25 -25.53 -18.85 15.90
N ALA C 26 -25.72 -19.47 14.73
CA ALA C 26 -24.59 -19.79 13.86
C ALA C 26 -23.80 -18.54 13.47
N LEU C 27 -24.51 -17.46 13.14
CA LEU C 27 -23.84 -16.20 12.82
C LEU C 27 -22.98 -15.72 13.98
N LEU C 28 -23.52 -15.82 15.19
CA LEU C 28 -22.78 -15.40 16.38
C LEU C 28 -21.51 -16.21 16.55
N GLU C 29 -21.62 -17.54 16.51
CA GLU C 29 -20.46 -18.40 16.74
C GLU C 29 -19.41 -18.20 15.66
N LEU C 30 -19.83 -18.19 14.39
CA LEU C 30 -18.86 -18.06 13.31
C LEU C 30 -18.14 -16.72 13.36
N SER C 31 -18.87 -15.63 13.68
CA SER C 31 -18.23 -14.33 13.72
C SER C 31 -17.13 -14.28 14.78
N LYS C 32 -17.31 -15.02 15.89
CA LYS C 32 -16.27 -15.06 16.92
C LYS C 32 -15.02 -15.79 16.46
N LYS C 33 -15.17 -16.76 15.56
CA LYS C 33 -14.04 -17.53 15.04
C LYS C 33 -13.40 -16.90 13.82
N ARG C 34 -13.87 -15.72 13.41
CA ARG C 34 -13.35 -15.08 12.19
C ARG C 34 -11.83 -14.94 12.24
N GLU C 35 -11.28 -14.62 13.41
CA GLU C 35 -9.84 -14.45 13.52
C GLU C 35 -9.11 -15.78 13.64
N SER C 36 -9.75 -16.79 14.22
CA SER C 36 -9.07 -18.05 14.52
C SER C 36 -9.04 -19.01 13.34
N VAL C 37 -9.90 -18.83 12.34
CA VAL C 37 -10.05 -19.80 11.25
C VAL C 37 -9.59 -19.16 9.95
N PRO C 38 -8.35 -19.40 9.53
CA PRO C 38 -7.82 -18.66 8.36
C PRO C 38 -8.48 -19.03 7.05
N ASP C 39 -9.03 -20.23 6.94
CA ASP C 39 -9.73 -20.68 5.74
C ASP C 39 -11.25 -20.55 5.85
N LEU C 40 -11.75 -19.71 6.76
CA LEU C 40 -13.19 -19.59 6.93
C LEU C 40 -13.88 -19.09 5.67
N ALA C 41 -13.25 -18.15 4.95
CA ALA C 41 -13.89 -17.56 3.77
C ALA C 41 -14.17 -18.58 2.66
N PRO C 42 -13.21 -19.40 2.21
CA PRO C 42 -13.58 -20.41 1.20
C PRO C 42 -14.56 -21.45 1.74
N MET C 43 -14.51 -21.75 3.04
CA MET C 43 -15.50 -22.63 3.64
C MET C 43 -16.90 -22.05 3.51
N LEU C 44 -17.03 -20.73 3.70
CA LEU C 44 -18.31 -20.08 3.52
C LEU C 44 -18.69 -20.03 2.04
N TRP C 45 -17.77 -19.56 1.19
CA TRP C 45 -18.11 -19.32 -0.21
C TRP C 45 -18.53 -20.59 -0.92
N HIS C 46 -17.82 -21.69 -0.69
CA HIS C 46 -18.08 -22.93 -1.40
C HIS C 46 -19.16 -23.79 -0.75
N SER C 47 -19.85 -23.28 0.25
CA SER C 47 -20.94 -24.00 0.88
C SER C 47 -22.26 -23.61 0.22
N PHE C 48 -23.04 -24.61 -0.19
CA PHE C 48 -24.30 -24.38 -0.88
C PHE C 48 -25.23 -23.48 -0.07
N GLY C 49 -25.73 -22.41 -0.70
CA GLY C 49 -26.72 -21.56 -0.10
C GLY C 49 -26.21 -20.59 0.96
N THR C 50 -24.94 -20.73 1.38
CA THR C 50 -24.44 -19.96 2.51
C THR C 50 -24.34 -18.48 2.18
N ILE C 51 -23.70 -18.13 1.07
CA ILE C 51 -23.58 -16.72 0.71
C ILE C 51 -24.97 -16.11 0.51
N ALA C 52 -25.85 -16.85 -0.17
CA ALA C 52 -27.23 -16.39 -0.34
C ALA C 52 -27.91 -16.17 1.00
N ALA C 53 -27.61 -17.00 2.00
CA ALA C 53 -28.22 -16.80 3.32
C ALA C 53 -27.73 -15.49 3.95
N LEU C 54 -26.44 -15.20 3.80
CA LEU C 54 -25.89 -13.97 4.39
C LEU C 54 -26.46 -12.72 3.73
N LEU C 55 -26.59 -12.74 2.39
CA LEU C 55 -27.18 -11.60 1.69
C LEU C 55 -28.64 -11.41 2.10
N GLN C 56 -29.36 -12.51 2.31
CA GLN C 56 -30.74 -12.42 2.79
C GLN C 56 -30.80 -11.74 4.14
N GLU C 57 -29.83 -12.02 5.03
CA GLU C 57 -29.75 -11.31 6.30
C GLU C 57 -29.61 -9.81 6.09
N ILE C 58 -28.74 -9.41 5.16
CA ILE C 58 -28.53 -7.99 4.89
C ILE C 58 -29.82 -7.36 4.40
N VAL C 59 -30.42 -7.94 3.36
CA VAL C 59 -31.58 -7.33 2.74
C VAL C 59 -32.78 -7.34 3.68
N ASN C 60 -32.81 -8.29 4.63
CA ASN C 60 -33.94 -8.38 5.56
C ASN C 60 -34.14 -7.10 6.35
N ILE C 61 -33.09 -6.31 6.56
CA ILE C 61 -33.23 -5.11 7.37
C ILE C 61 -33.40 -3.85 6.53
N TYR C 62 -33.34 -3.96 5.21
CA TYR C 62 -33.62 -2.82 4.34
C TYR C 62 -34.88 -2.05 4.72
N PRO C 63 -36.02 -2.69 5.01
CA PRO C 63 -37.20 -1.89 5.41
C PRO C 63 -37.02 -1.14 6.71
N SER C 64 -36.11 -1.58 7.59
CA SER C 64 -35.84 -0.86 8.83
C SER C 64 -34.86 0.30 8.64
N ILE C 65 -34.29 0.45 7.45
CA ILE C 65 -33.29 1.47 7.21
C ILE C 65 -33.90 2.80 6.78
N ASN C 66 -35.01 2.76 6.05
CA ASN C 66 -35.65 3.97 5.55
C ASN C 66 -37.16 3.74 5.46
N PRO C 67 -37.93 4.32 6.41
CA PRO C 67 -37.54 5.18 7.55
C PRO C 67 -36.70 4.46 8.61
N PRO C 68 -35.85 5.20 9.32
CA PRO C 68 -34.95 4.58 10.29
C PRO C 68 -35.66 4.02 11.52
N THR C 69 -35.69 2.70 11.67
CA THR C 69 -36.31 2.03 12.81
C THR C 69 -35.45 0.89 13.33
N LEU C 70 -34.19 0.81 12.92
CA LEU C 70 -33.35 -0.34 13.20
C LEU C 70 -33.07 -0.44 14.70
N THR C 71 -33.22 -1.64 15.24
CA THR C 71 -32.98 -1.84 16.67
C THR C 71 -31.54 -2.32 16.90
N ALA C 72 -31.12 -2.25 18.17
CA ALA C 72 -29.79 -2.71 18.52
C ALA C 72 -29.63 -4.20 18.24
N HIS C 73 -30.70 -4.97 18.44
CA HIS C 73 -30.64 -6.41 18.18
C HIS C 73 -30.60 -6.70 16.68
N GLN C 74 -31.31 -5.92 15.87
CA GLN C 74 -31.25 -6.09 14.43
C GLN C 74 -29.89 -5.70 13.88
N SER C 75 -29.31 -4.61 14.41
CA SER C 75 -27.96 -4.22 13.98
C SER C 75 -26.94 -5.26 14.43
N ASN C 76 -27.06 -5.73 15.67
CA ASN C 76 -26.19 -6.78 16.18
C ASN C 76 -26.16 -7.98 15.23
N ARG C 77 -27.34 -8.50 14.87
CA ARG C 77 -27.40 -9.71 14.05
C ARG C 77 -26.87 -9.44 12.64
N VAL C 78 -27.26 -8.32 12.03
CA VAL C 78 -26.82 -8.10 10.66
C VAL C 78 -25.32 -7.82 10.61
N CYS C 79 -24.76 -7.18 11.63
CA CYS C 79 -23.32 -6.96 11.66
C CYS C 79 -22.53 -8.24 11.86
N ASN C 80 -23.15 -9.28 12.44
CA ASN C 80 -22.48 -10.57 12.45
C ASN C 80 -22.36 -11.13 11.05
N ALA C 81 -23.42 -11.00 10.24
CA ALA C 81 -23.32 -11.42 8.85
C ALA C 81 -22.31 -10.58 8.09
N LEU C 82 -22.29 -9.27 8.36
CA LEU C 82 -21.32 -8.39 7.69
C LEU C 82 -19.89 -8.80 8.03
N ALA C 83 -19.63 -9.22 9.28
CA ALA C 83 -18.28 -9.63 9.63
C ALA C 83 -17.85 -10.86 8.82
N LEU C 84 -18.81 -11.73 8.48
CA LEU C 84 -18.47 -12.88 7.66
C LEU C 84 -18.23 -12.47 6.21
N LEU C 85 -18.91 -11.43 5.73
CA LEU C 85 -18.63 -10.91 4.39
C LEU C 85 -17.26 -10.24 4.32
N GLN C 86 -16.86 -9.53 5.39
CA GLN C 86 -15.53 -8.95 5.41
C GLN C 86 -14.47 -10.02 5.31
N CYS C 87 -14.72 -11.16 5.96
CA CYS C 87 -13.81 -12.28 5.88
C CYS C 87 -13.69 -12.79 4.44
N VAL C 88 -14.80 -12.81 3.70
CA VAL C 88 -14.78 -13.25 2.31
C VAL C 88 -14.18 -12.17 1.40
N ALA C 89 -14.35 -10.90 1.75
CA ALA C 89 -13.78 -9.83 0.93
C ALA C 89 -12.26 -9.84 0.97
N SER C 90 -11.66 -10.25 2.08
CA SER C 90 -10.22 -10.09 2.28
C SER C 90 -9.41 -11.36 2.02
N HIS C 91 -10.06 -12.50 1.58
CA HIS C 91 -9.33 -13.74 1.39
C HIS C 91 -8.97 -13.92 -0.08
N PRO C 92 -7.73 -14.33 -0.38
CA PRO C 92 -7.31 -14.40 -1.79
C PRO C 92 -8.08 -15.40 -2.62
N GLU C 93 -8.65 -16.43 -1.98
CA GLU C 93 -9.38 -17.45 -2.72
C GLU C 93 -10.81 -17.02 -3.09
N THR C 94 -11.38 -16.06 -2.37
CA THR C 94 -12.76 -15.64 -2.59
C THR C 94 -12.92 -14.18 -3.01
N ARG C 95 -11.89 -13.35 -2.87
CA ARG C 95 -12.03 -11.92 -3.11
C ARG C 95 -12.59 -11.63 -4.49
N SER C 96 -12.04 -12.29 -5.51
CA SER C 96 -12.42 -11.99 -6.89
C SER C 96 -13.86 -12.42 -7.18
N ALA C 97 -14.27 -13.58 -6.68
CA ALA C 97 -15.66 -13.99 -6.84
C ALA C 97 -16.61 -13.09 -6.05
N PHE C 98 -16.16 -12.60 -4.90
CA PHE C 98 -16.90 -11.62 -4.12
C PHE C 98 -17.18 -10.37 -4.93
N LEU C 99 -16.19 -9.89 -5.69
CA LEU C 99 -16.39 -8.73 -6.55
C LEU C 99 -17.29 -9.06 -7.73
N ALA C 100 -17.10 -10.23 -8.34
CA ALA C 100 -17.87 -10.60 -9.53
C ALA C 100 -19.37 -10.63 -9.22
N ALA C 101 -19.72 -11.05 -8.00
CA ALA C 101 -21.11 -11.06 -7.57
C ALA C 101 -21.58 -9.69 -7.07
N HIS C 102 -20.74 -8.66 -7.18
CA HIS C 102 -21.11 -7.29 -6.83
C HIS C 102 -21.60 -7.16 -5.40
N ILE C 103 -21.05 -7.99 -4.50
CA ILE C 103 -21.55 -8.01 -3.11
C ILE C 103 -21.44 -6.67 -2.41
N PRO C 104 -20.37 -5.87 -2.58
CA PRO C 104 -20.30 -4.58 -1.86
C PRO C 104 -21.53 -3.70 -2.02
N LEU C 105 -22.27 -3.83 -3.13
CA LEU C 105 -23.44 -2.98 -3.35
C LEU C 105 -24.49 -3.17 -2.27
N PHE C 106 -24.60 -4.36 -1.69
CA PHE C 106 -25.64 -4.58 -0.70
C PHE C 106 -25.40 -3.79 0.57
N LEU C 107 -24.20 -3.26 0.76
CA LEU C 107 -23.88 -2.47 1.94
C LEU C 107 -24.12 -0.99 1.74
N TYR C 108 -24.28 -0.54 0.50
CA TYR C 108 -24.34 0.90 0.23
C TYR C 108 -25.55 1.58 0.87
N PRO C 109 -26.75 0.98 0.91
CA PRO C 109 -27.84 1.64 1.65
C PRO C 109 -27.48 1.93 3.10
N PHE C 110 -26.70 1.05 3.73
CA PHE C 110 -26.24 1.31 5.08
C PHE C 110 -25.35 2.54 5.14
N LEU C 111 -24.59 2.80 4.08
CA LEU C 111 -23.72 3.97 4.05
C LEU C 111 -24.45 5.26 3.75
N HIS C 112 -25.72 5.18 3.29
CA HIS C 112 -26.53 6.37 3.05
C HIS C 112 -27.22 6.88 4.31
N THR C 113 -27.38 6.04 5.33
CA THR C 113 -28.09 6.46 6.53
C THR C 113 -27.34 7.58 7.24
N VAL C 114 -28.10 8.44 7.92
CA VAL C 114 -27.52 9.56 8.64
C VAL C 114 -27.91 9.58 10.11
N SER C 115 -28.80 8.67 10.54
CA SER C 115 -29.18 8.58 11.94
C SER C 115 -27.95 8.37 12.81
N LYS C 116 -27.89 9.09 13.93
CA LYS C 116 -26.76 9.00 14.84
C LYS C 116 -26.99 8.05 16.00
N THR C 117 -28.10 7.29 15.99
CA THR C 117 -28.32 6.31 17.03
C THR C 117 -27.28 5.20 16.94
N ARG C 118 -27.03 4.57 18.09
CA ARG C 118 -26.02 3.52 18.15
C ARG C 118 -26.27 2.36 17.18
N PRO C 119 -27.50 1.89 16.96
CA PRO C 119 -27.67 0.80 15.97
C PRO C 119 -27.17 1.17 14.58
N PHE C 120 -27.40 2.42 14.15
CA PHE C 120 -27.00 2.84 12.81
C PHE C 120 -25.49 3.11 12.72
N GLU C 121 -24.92 3.74 13.76
CA GLU C 121 -23.48 3.96 13.77
C GLU C 121 -22.72 2.64 13.76
N TYR C 122 -23.20 1.66 14.53
CA TYR C 122 -22.56 0.35 14.58
C TYR C 122 -22.67 -0.34 13.22
N LEU C 123 -23.83 -0.21 12.56
CA LEU C 123 -24.01 -0.78 11.23
C LEU C 123 -23.14 -0.08 10.20
N ARG C 124 -23.07 1.25 10.26
CA ARG C 124 -22.27 2.02 9.31
C ARG C 124 -20.79 1.71 9.45
N LEU C 125 -20.29 1.65 10.68
CA LEU C 125 -18.88 1.37 10.89
C LEU C 125 -18.53 -0.04 10.43
N THR C 126 -19.41 -1.01 10.69
CA THR C 126 -19.14 -2.37 10.27
C THR C 126 -19.13 -2.48 8.76
N SER C 127 -20.05 -1.77 8.10
CA SER C 127 -20.07 -1.77 6.63
C SER C 127 -18.82 -1.12 6.06
N LEU C 128 -18.39 0.00 6.62
CA LEU C 128 -17.15 0.62 6.17
C LEU C 128 -15.97 -0.32 6.37
N GLY C 129 -16.02 -1.16 7.41
CA GLY C 129 -14.95 -2.13 7.63
C GLY C 129 -14.85 -3.15 6.52
N VAL C 130 -16.00 -3.57 5.97
CA VAL C 130 -15.99 -4.52 4.86
C VAL C 130 -15.33 -3.89 3.64
N ILE C 131 -15.74 -2.66 3.29
CA ILE C 131 -15.14 -1.96 2.16
C ILE C 131 -13.67 -1.65 2.43
N GLY C 132 -13.34 -1.29 3.67
CA GLY C 132 -11.95 -0.98 3.99
C GLY C 132 -11.04 -2.19 3.87
N ALA C 133 -11.50 -3.35 4.34
CA ALA C 133 -10.71 -4.57 4.20
C ALA C 133 -10.58 -4.99 2.74
N LEU C 134 -11.58 -4.65 1.93
CA LEU C 134 -11.57 -4.98 0.51
C LEU C 134 -10.50 -4.18 -0.25
N VAL C 135 -10.37 -2.89 0.04
CA VAL C 135 -9.38 -2.05 -0.65
C VAL C 135 -7.99 -2.17 -0.07
N LYS C 136 -7.85 -2.72 1.15
CA LYS C 136 -6.53 -2.87 1.76
C LYS C 136 -5.68 -3.89 1.03
N THR C 137 -6.32 -4.85 0.35
CA THR C 137 -5.61 -5.90 -0.38
C THR C 137 -4.80 -5.37 -1.55
N ASP C 138 -4.95 -4.10 -1.93
CA ASP C 138 -4.17 -3.50 -3.01
C ASP C 138 -4.32 -4.30 -4.31
N GLU C 139 -5.56 -4.59 -4.68
CA GLU C 139 -5.86 -5.26 -5.92
C GLU C 139 -6.48 -4.27 -6.89
N GLN C 140 -5.97 -4.27 -8.13
CA GLN C 140 -6.47 -3.33 -9.14
C GLN C 140 -7.95 -3.57 -9.44
N GLU C 141 -8.39 -4.84 -9.43
CA GLU C 141 -9.76 -5.12 -9.81
C GLU C 141 -10.77 -4.61 -8.79
N VAL C 142 -10.35 -4.49 -7.52
CA VAL C 142 -11.20 -3.89 -6.51
C VAL C 142 -11.54 -2.45 -6.88
N ILE C 143 -10.51 -1.66 -7.20
CA ILE C 143 -10.73 -0.25 -7.54
C ILE C 143 -11.55 -0.14 -8.81
N ASN C 144 -11.31 -1.04 -9.78
CA ASN C 144 -12.07 -0.99 -11.03
C ASN C 144 -13.56 -1.18 -10.76
N PHE C 145 -13.92 -2.15 -9.93
CA PHE C 145 -15.33 -2.36 -9.60
C PHE C 145 -15.91 -1.17 -8.87
N LEU C 146 -15.18 -0.67 -7.86
CA LEU C 146 -15.69 0.45 -7.06
C LEU C 146 -15.94 1.68 -7.91
N LEU C 147 -15.11 1.92 -8.93
CA LEU C 147 -15.30 3.08 -9.79
C LEU C 147 -16.57 2.99 -10.64
N THR C 148 -17.20 1.81 -10.73
CA THR C 148 -18.48 1.71 -11.43
C THR C 148 -19.64 2.04 -10.51
N THR C 149 -19.39 2.23 -9.22
CA THR C 149 -20.40 2.48 -8.22
C THR C 149 -20.27 3.91 -7.71
N GLU C 150 -21.16 4.26 -6.77
CA GLU C 150 -21.22 5.58 -6.17
C GLU C 150 -20.34 5.71 -4.93
N ILE C 151 -19.23 4.95 -4.85
CA ILE C 151 -18.48 4.87 -3.59
C ILE C 151 -17.87 6.22 -3.23
N ILE C 152 -17.45 6.99 -4.22
CA ILE C 152 -16.72 8.23 -3.94
C ILE C 152 -17.68 9.25 -3.32
N PRO C 153 -18.84 9.56 -3.92
CA PRO C 153 -19.76 10.48 -3.21
C PRO C 153 -20.21 9.98 -1.85
N LEU C 154 -20.32 8.67 -1.67
CA LEU C 154 -20.68 8.12 -0.36
C LEU C 154 -19.59 8.41 0.68
N CYS C 155 -18.32 8.14 0.33
CA CYS C 155 -17.21 8.43 1.22
C CYS C 155 -17.11 9.92 1.54
N LEU C 156 -17.32 10.76 0.53
CA LEU C 156 -17.20 12.20 0.76
C LEU C 156 -18.24 12.70 1.74
N ARG C 157 -19.48 12.19 1.64
CA ARG C 157 -20.52 12.59 2.60
C ARG C 157 -20.12 12.22 4.03
N ILE C 158 -19.56 11.02 4.20
CA ILE C 158 -19.15 10.57 5.53
C ILE C 158 -17.93 11.35 6.02
N MET C 159 -16.98 11.63 5.12
CA MET C 159 -15.82 12.43 5.49
C MET C 159 -16.22 13.80 6.00
N GLU C 160 -17.28 14.38 5.44
CA GLU C 160 -17.69 15.72 5.84
C GLU C 160 -18.48 15.71 7.14
N SER C 161 -19.41 14.77 7.32
CA SER C 161 -20.36 14.88 8.43
C SER C 161 -20.53 13.57 9.20
N GLY C 162 -19.49 12.74 9.29
CA GLY C 162 -19.56 11.52 10.06
C GLY C 162 -18.86 11.65 11.40
N SER C 163 -18.94 10.58 12.19
CA SER C 163 -18.08 10.48 13.36
C SER C 163 -16.62 10.48 12.93
N GLU C 164 -15.74 10.81 13.88
CA GLU C 164 -14.31 10.84 13.59
C GLU C 164 -13.83 9.47 13.10
N LEU C 165 -14.35 8.39 13.65
CA LEU C 165 -13.93 7.06 13.24
C LEU C 165 -14.44 6.72 11.84
N SER C 166 -15.71 7.02 11.57
CA SER C 166 -16.26 6.84 10.23
C SER C 166 -15.48 7.67 9.21
N LYS C 167 -15.13 8.91 9.58
CA LYS C 167 -14.37 9.75 8.67
C LYS C 167 -13.04 9.10 8.32
N THR C 168 -12.34 8.57 9.32
CA THR C 168 -11.03 7.97 9.09
C THR C 168 -11.09 6.79 8.12
N VAL C 169 -12.13 5.96 8.23
CA VAL C 169 -12.26 4.81 7.33
C VAL C 169 -12.69 5.25 5.94
N ALA C 170 -13.62 6.21 5.86
CA ALA C 170 -14.02 6.74 4.55
C ALA C 170 -12.85 7.39 3.83
N THR C 171 -12.04 8.17 4.56
CA THR C 171 -10.86 8.78 3.95
C THR C 171 -9.84 7.75 3.50
N PHE C 172 -9.68 6.67 4.27
CA PHE C 172 -8.80 5.58 3.89
C PHE C 172 -9.27 4.92 2.60
N ILE C 173 -10.59 4.80 2.41
CA ILE C 173 -11.11 4.19 1.19
C ILE C 173 -10.85 5.11 0.01
N LEU C 174 -11.19 6.39 0.14
CA LEU C 174 -10.81 7.38 -0.87
C LEU C 174 -9.31 7.34 -1.14
N GLN C 175 -8.51 7.25 -0.08
CA GLN C 175 -7.05 7.19 -0.24
C GLN C 175 -6.62 6.02 -1.13
N LYS C 176 -7.21 4.84 -0.88
CA LYS C 176 -6.84 3.67 -1.70
C LYS C 176 -7.27 3.85 -3.15
N ILE C 177 -8.43 4.46 -3.37
CA ILE C 177 -8.90 4.73 -4.72
C ILE C 177 -7.94 5.68 -5.43
N LEU C 178 -7.57 6.77 -4.75
CA LEU C 178 -6.63 7.73 -5.33
C LEU C 178 -5.26 7.11 -5.59
N LEU C 179 -4.83 6.17 -4.74
CA LEU C 179 -3.53 5.55 -4.92
C LEU C 179 -3.46 4.71 -6.19
N ASP C 180 -4.60 4.15 -6.60
CA ASP C 180 -4.68 3.49 -7.90
C ASP C 180 -4.61 4.53 -9.02
N ASP C 181 -3.88 4.18 -10.09
CA ASP C 181 -3.70 5.12 -11.20
C ASP C 181 -5.02 5.45 -11.88
N THR C 182 -5.87 4.44 -12.10
CA THR C 182 -7.18 4.71 -12.68
C THR C 182 -8.02 5.59 -11.76
N GLY C 183 -7.96 5.35 -10.45
CA GLY C 183 -8.74 6.15 -9.52
C GLY C 183 -8.30 7.60 -9.49
N LEU C 184 -6.99 7.85 -9.54
CA LEU C 184 -6.50 9.22 -9.60
C LEU C 184 -6.97 9.91 -10.87
N ALA C 185 -6.90 9.21 -12.00
CA ALA C 185 -7.36 9.80 -13.25
C ALA C 185 -8.87 10.00 -13.23
N TYR C 186 -9.62 9.07 -12.64
CA TYR C 186 -11.06 9.23 -12.53
C TYR C 186 -11.42 10.53 -11.81
N ILE C 187 -10.88 10.69 -10.60
CA ILE C 187 -11.24 11.84 -9.76
C ILE C 187 -10.73 13.15 -10.37
N CYS C 188 -9.64 13.10 -11.13
CA CYS C 188 -9.08 14.29 -11.72
C CYS C 188 -9.55 14.53 -13.15
N GLN C 189 -10.40 13.67 -13.69
CA GLN C 189 -10.80 13.82 -15.09
C GLN C 189 -11.63 15.08 -15.30
N THR C 190 -12.49 15.39 -14.35
CA THR C 190 -13.31 16.60 -14.38
C THR C 190 -12.86 17.53 -13.26
N TYR C 191 -12.81 18.83 -13.56
CA TYR C 191 -12.46 19.78 -12.52
C TYR C 191 -13.53 19.85 -11.43
N GLU C 192 -14.77 19.55 -11.78
CA GLU C 192 -15.84 19.56 -10.78
C GLU C 192 -15.72 18.35 -9.86
N ARG C 193 -15.37 17.19 -10.41
CA ARG C 193 -15.13 16.03 -9.58
C ARG C 193 -13.95 16.26 -8.65
N PHE C 194 -12.85 16.81 -9.18
CA PHE C 194 -11.71 17.16 -8.34
C PHE C 194 -12.10 18.20 -7.30
N SER C 195 -12.85 19.23 -7.73
CA SER C 195 -13.20 20.33 -6.83
C SER C 195 -14.01 19.83 -5.64
N HIS C 196 -14.89 18.84 -5.86
CA HIS C 196 -15.66 18.29 -4.77
C HIS C 196 -14.76 17.59 -3.75
N VAL C 197 -13.76 16.84 -4.22
CA VAL C 197 -12.82 16.19 -3.31
C VAL C 197 -12.04 17.24 -2.52
N ALA C 198 -11.51 18.25 -3.23
CA ALA C 198 -10.64 19.25 -2.59
C ALA C 198 -11.41 20.09 -1.59
N MET C 199 -12.62 20.54 -1.94
CA MET C 199 -13.44 21.29 -1.00
C MET C 199 -13.67 20.49 0.28
N ILE C 200 -14.01 19.21 0.15
CA ILE C 200 -14.29 18.41 1.32
C ILE C 200 -13.02 18.15 2.11
N LEU C 201 -11.90 17.90 1.41
CA LEU C 201 -10.62 17.76 2.11
C LEU C 201 -10.26 19.05 2.83
N GLY C 202 -10.48 20.20 2.19
CA GLY C 202 -10.15 21.47 2.82
C GLY C 202 -10.94 21.70 4.11
N LYS C 203 -12.22 21.35 4.10
CA LYS C 203 -13.04 21.53 5.30
C LYS C 203 -12.63 20.58 6.42
N MET C 204 -12.17 19.37 6.08
CA MET C 204 -11.69 18.45 7.10
C MET C 204 -10.47 19.04 7.83
N VAL C 205 -9.62 19.76 7.10
CA VAL C 205 -8.46 20.39 7.73
C VAL C 205 -8.90 21.44 8.73
N LEU C 206 -9.95 22.20 8.39
CA LEU C 206 -10.47 23.19 9.33
C LEU C 206 -10.95 22.54 10.62
N GLN C 207 -11.66 21.42 10.51
CA GLN C 207 -12.06 20.68 11.69
C GLN C 207 -10.85 20.15 12.45
N LEU C 208 -9.86 19.64 11.72
CA LEU C 208 -8.65 19.13 12.36
C LEU C 208 -7.89 20.21 13.11
N SER C 209 -8.10 21.48 12.78
CA SER C 209 -7.55 22.57 13.58
C SER C 209 -8.19 22.61 14.96
N LYS C 210 -9.43 22.14 15.09
CA LYS C 210 -10.15 22.11 16.35
C LYS C 210 -10.09 20.75 17.03
N GLU C 211 -10.19 19.66 16.27
CA GLU C 211 -10.11 18.30 16.79
C GLU C 211 -8.84 17.63 16.28
N PRO C 212 -7.72 17.78 16.98
CA PRO C 212 -6.48 17.15 16.52
C PRO C 212 -6.56 15.63 16.51
N SER C 213 -6.84 15.04 15.35
CA SER C 213 -6.84 13.59 15.16
C SER C 213 -5.62 13.22 14.33
N ALA C 214 -4.68 12.50 14.93
CA ALA C 214 -3.48 12.11 14.21
C ALA C 214 -3.79 11.10 13.11
N ARG C 215 -4.71 10.16 13.38
CA ARG C 215 -5.01 9.14 12.38
C ARG C 215 -5.77 9.73 11.20
N LEU C 216 -6.70 10.67 11.47
CA LEU C 216 -7.45 11.28 10.38
C LEU C 216 -6.55 12.20 9.55
N LEU C 217 -5.76 13.05 10.21
CA LEU C 217 -4.88 13.97 9.52
C LEU C 217 -3.87 13.24 8.65
N LYS C 218 -3.40 12.07 9.10
CA LYS C 218 -2.45 11.29 8.31
C LYS C 218 -3.04 10.92 6.95
N HIS C 219 -4.29 10.48 6.94
CA HIS C 219 -4.92 10.06 5.69
C HIS C 219 -5.39 11.23 4.84
N VAL C 220 -5.72 12.36 5.46
CA VAL C 220 -6.03 13.56 4.71
C VAL C 220 -4.79 14.05 3.96
N VAL C 221 -3.67 14.14 4.67
CA VAL C 221 -2.41 14.53 4.04
C VAL C 221 -2.05 13.58 2.91
N ARG C 222 -2.23 12.27 3.14
CA ARG C 222 -1.89 11.29 2.10
C ARG C 222 -2.72 11.51 0.85
N CYS C 223 -4.02 11.81 1.03
CA CYS C 223 -4.88 12.09 -0.12
C CYS C 223 -4.42 13.35 -0.85
N TYR C 224 -3.94 14.36 -0.11
CA TYR C 224 -3.41 15.56 -0.74
C TYR C 224 -2.14 15.26 -1.51
N LEU C 225 -1.25 14.44 -0.93
CA LEU C 225 0.00 14.11 -1.59
C LEU C 225 -0.24 13.36 -2.91
N ARG C 226 -1.12 12.35 -2.88
CA ARG C 226 -1.38 11.59 -4.09
C ARG C 226 -2.07 12.46 -5.14
N LEU C 227 -2.97 13.36 -4.72
CA LEU C 227 -3.54 14.33 -5.64
C LEU C 227 -2.46 15.19 -6.30
N SER C 228 -1.38 15.48 -5.58
CA SER C 228 -0.31 16.29 -6.16
C SER C 228 0.47 15.53 -7.23
N ASP C 229 0.18 14.25 -7.45
CA ASP C 229 0.79 13.54 -8.57
C ASP C 229 0.06 13.78 -9.89
N ASN C 230 -1.13 14.38 -9.87
CA ASN C 230 -1.85 14.71 -11.09
C ASN C 230 -1.61 16.17 -11.43
N PRO C 231 -1.13 16.51 -12.63
CA PRO C 231 -0.78 17.91 -12.90
C PRO C 231 -1.94 18.88 -12.74
N ARG C 232 -3.13 18.53 -13.27
CA ARG C 232 -4.28 19.42 -13.14
C ARG C 232 -4.61 19.70 -11.67
N ALA C 233 -4.59 18.65 -10.84
CA ALA C 233 -4.83 18.83 -9.40
C ALA C 233 -3.70 19.57 -8.73
N ARG C 234 -2.46 19.35 -9.19
CA ARG C 234 -1.30 19.95 -8.55
C ARG C 234 -1.30 21.47 -8.70
N GLU C 235 -1.77 21.98 -9.85
CA GLU C 235 -1.81 23.42 -10.04
C GLU C 235 -2.88 24.07 -9.16
N ALA C 236 -4.00 23.38 -8.96
CA ALA C 236 -5.08 23.96 -8.15
C ALA C 236 -4.73 23.95 -6.67
N LEU C 237 -4.03 22.91 -6.21
CA LEU C 237 -3.68 22.82 -4.79
C LEU C 237 -2.71 23.92 -4.36
N ARG C 238 -1.96 24.51 -5.29
CA ARG C 238 -1.08 25.63 -4.93
C ARG C 238 -1.86 26.81 -4.37
N GLN C 239 -3.13 26.93 -4.71
CA GLN C 239 -3.96 28.06 -4.33
C GLN C 239 -5.00 27.74 -3.28
N CYS C 240 -5.52 26.51 -3.27
CA CYS C 240 -6.60 26.11 -2.37
C CYS C 240 -6.11 25.23 -1.22
N LEU C 241 -4.81 25.10 -1.03
CA LEU C 241 -4.32 24.34 0.11
C LEU C 241 -4.56 25.14 1.38
N PRO C 242 -5.20 24.55 2.40
CA PRO C 242 -5.47 25.30 3.63
C PRO C 242 -4.19 25.78 4.28
N ASP C 243 -4.26 26.98 4.87
CA ASP C 243 -3.11 27.59 5.50
C ASP C 243 -2.62 26.79 6.71
N GLN C 244 -3.49 25.95 7.30
CA GLN C 244 -3.09 25.16 8.47
C GLN C 244 -2.10 24.07 8.10
N LEU C 245 -1.99 23.70 6.83
CA LEU C 245 -1.01 22.73 6.38
C LEU C 245 0.30 23.37 5.96
N LYS C 246 0.39 24.70 6.01
CA LYS C 246 1.60 25.42 5.66
C LYS C 246 2.31 26.02 6.86
N ASP C 247 1.58 26.47 7.88
CA ASP C 247 2.21 27.04 9.07
C ASP C 247 2.57 25.95 10.06
N THR C 248 2.55 26.29 11.35
CA THR C 248 2.91 25.35 12.41
C THR C 248 1.70 24.93 13.25
N THR C 249 0.53 24.87 12.63
CA THR C 249 -0.68 24.45 13.34
C THR C 249 -0.52 23.04 13.89
N PHE C 250 -0.33 22.06 13.00
CA PHE C 250 -0.15 20.67 13.39
C PHE C 250 1.30 20.34 13.71
N ALA C 251 2.14 21.35 13.97
CA ALA C 251 3.56 21.10 14.19
C ALA C 251 3.77 20.20 15.41
N GLN C 252 3.20 20.59 16.56
CA GLN C 252 3.39 19.80 17.77
C GLN C 252 2.72 18.44 17.67
N VAL C 253 1.63 18.33 16.90
CA VAL C 253 0.99 17.04 16.73
C VAL C 253 1.82 16.13 15.83
N LEU C 254 2.44 16.70 14.79
CA LEU C 254 3.22 15.92 13.85
C LEU C 254 4.63 15.60 14.34
N LYS C 255 5.09 16.23 15.41
CA LYS C 255 6.39 15.90 15.97
C LYS C 255 6.45 14.48 16.48
N ASP C 256 5.30 13.85 16.73
CA ASP C 256 5.24 12.49 17.23
C ASP C 256 5.23 11.45 16.13
N ASP C 257 5.02 11.85 14.88
CA ASP C 257 4.92 10.91 13.76
C ASP C 257 5.70 11.48 12.58
N THR C 258 6.91 10.95 12.35
CA THR C 258 7.76 11.45 11.27
C THR C 258 7.25 11.03 9.89
N THR C 259 6.49 9.94 9.81
CA THR C 259 5.98 9.49 8.52
C THR C 259 5.04 10.53 7.90
N THR C 260 4.18 11.13 8.71
CA THR C 260 3.24 12.12 8.16
C THR C 260 3.95 13.44 7.83
N LYS C 261 4.98 13.79 8.61
CA LYS C 261 5.73 15.02 8.33
C LYS C 261 6.38 14.97 6.95
N ARG C 262 7.03 13.85 6.62
CA ARG C 262 7.67 13.72 5.31
C ARG C 262 6.65 13.85 4.18
N TRP C 263 5.46 13.27 4.36
CA TRP C 263 4.40 13.42 3.37
C TRP C 263 4.01 14.89 3.20
N LEU C 264 3.72 15.57 4.32
CA LEU C 264 3.37 16.98 4.25
C LEU C 264 4.54 17.81 3.72
N ALA C 265 5.78 17.41 4.02
CA ALA C 265 6.93 18.12 3.46
C ALA C 265 7.08 17.83 1.97
N GLN C 266 6.82 16.60 1.56
CA GLN C 266 6.86 16.28 0.13
C GLN C 266 5.68 16.91 -0.61
N LEU C 267 4.58 17.15 0.09
CA LEU C 267 3.43 17.80 -0.54
C LEU C 267 3.71 19.26 -0.87
N VAL C 268 4.21 20.02 0.12
CA VAL C 268 4.50 21.43 -0.12
C VAL C 268 5.63 21.59 -1.12
N LYS C 269 6.52 20.60 -1.23
CA LYS C 269 7.58 20.66 -2.23
C LYS C 269 7.03 20.43 -3.62
N ASN C 270 6.03 19.55 -3.76
CA ASN C 270 5.39 19.32 -5.05
C ASN C 270 4.50 20.49 -5.49
N LEU C 271 4.24 21.44 -4.61
CA LEU C 271 3.43 22.61 -4.94
C LEU C 271 4.29 23.86 -5.15
N GLN C 272 5.58 23.69 -5.41
CA GLN C 272 6.48 24.81 -5.68
C GLN C 272 7.15 24.73 -7.04
N GLU C 273 7.36 23.54 -7.59
CA GLU C 273 8.00 23.34 -8.88
C GLU C 273 9.39 23.97 -8.94
N GLU D 1 -29.32 -9.92 26.58
CA GLU D 1 -29.60 -8.63 25.96
C GLU D 1 -29.71 -8.76 24.44
N GLY D 2 -28.63 -9.23 23.81
CA GLY D 2 -28.60 -9.28 22.37
C GLY D 2 -28.48 -7.95 21.68
N GLY D 3 -28.02 -6.92 22.40
CA GLY D 3 -27.86 -5.58 21.87
C GLY D 3 -26.42 -5.29 21.52
N ILE D 4 -26.00 -4.05 21.77
CA ILE D 4 -24.66 -3.58 21.45
C ILE D 4 -24.03 -3.08 22.74
N ASP D 5 -22.98 -3.76 23.19
CA ASP D 5 -22.30 -3.37 24.43
C ASP D 5 -20.95 -2.74 24.12
N SER D 6 -20.30 -2.27 25.18
CA SER D 6 -19.03 -1.55 25.01
C SER D 6 -17.96 -2.46 24.41
N GLY D 7 -17.98 -3.76 24.75
CA GLY D 7 -17.01 -4.68 24.17
C GLY D 7 -17.14 -4.82 22.67
N MET D 8 -18.37 -4.97 22.18
CA MET D 8 -18.59 -5.06 20.74
C MET D 8 -18.15 -3.78 20.04
N MET D 9 -18.52 -2.63 20.62
CA MET D 9 -18.14 -1.35 20.03
C MET D 9 -16.63 -1.19 20.01
N LEU D 10 -15.96 -1.52 21.11
CA LEU D 10 -14.51 -1.36 21.17
C LEU D 10 -13.80 -2.35 20.25
N GLN D 11 -14.33 -3.57 20.12
CA GLN D 11 -13.70 -4.53 19.21
C GLN D 11 -13.82 -4.07 17.76
N LEU D 12 -14.95 -3.46 17.40
CA LEU D 12 -15.09 -2.90 16.07
C LEU D 12 -14.07 -1.81 15.81
N GLU D 13 -13.87 -0.92 16.79
CA GLU D 13 -12.91 0.17 16.65
C GLU D 13 -11.51 -0.38 16.41
N LYS D 14 -11.11 -1.38 17.19
CA LYS D 14 -9.80 -1.99 17.00
C LYS D 14 -9.68 -2.65 15.62
N ASN D 15 -10.76 -3.28 15.16
CA ASN D 15 -10.77 -3.86 13.80
C ASN D 15 -10.54 -2.78 12.75
N LEU D 16 -11.24 -1.65 12.87
CA LEU D 16 -11.12 -0.58 11.89
C LEU D 16 -9.74 0.07 11.95
N VAL D 17 -9.19 0.25 13.15
CA VAL D 17 -7.87 0.85 13.28
C VAL D 17 -6.80 -0.02 12.65
N ASP D 18 -6.92 -1.34 12.81
CA ASP D 18 -5.94 -2.24 12.19
C ASP D 18 -6.07 -2.26 10.68
N ILE D 19 -7.25 -1.96 10.15
CA ILE D 19 -7.45 -1.93 8.70
C ILE D 19 -6.77 -0.71 8.10
N VAL D 20 -6.99 0.47 8.69
CA VAL D 20 -6.51 1.71 8.09
C VAL D 20 -5.07 2.05 8.43
N ASP D 21 -4.50 1.44 9.47
CA ASP D 21 -3.12 1.74 9.85
C ASP D 21 -2.20 0.56 9.55
#